data_4R86
#
_entry.id   4R86
#
_cell.length_a   91.167
_cell.length_b   91.167
_cell.length_c   147.402
_cell.angle_alpha   90.00
_cell.angle_beta   90.00
_cell.angle_gamma   120.00
#
_symmetry.space_group_name_H-M   'P 3 2 1'
#
loop_
_entity.id
_entity.type
_entity.pdbx_description
1 polymer 'RND family aminoglycoside/multidrug efflux pump'
2 non-polymer 'BROMIDE ION'
3 non-polymer DI(HYDROXYETHYL)ETHER
4 non-polymer 1,2-ETHANEDIOL
5 water water
#
_entity_poly.entity_id   1
_entity_poly.type   'polypeptide(L)'
_entity_poly.pdbx_seq_one_letter_code
;SNAYPDLAPPNVRITANYPGASAQTLENTVTQVIEQN(MSE)TGLDNL(MSE)Y(MSE)SSQSSGTGQATITLSFIAGTD
PDEAVQQVQNQLQSA(MSE)RKLPQAVQDQGVTVRKTGDTNILTIAFVSTDGS(MSE)DKQDIADYVASNIQDPLSRVNG
VGDIDAYGSQYS(MSE)RIWLDPAKLNSFQ(MSE)TTKDVTDAIESQNAQIAVGQLGGTPSVDKQALNATINAQSLLQTP
QQFRDITLRVNQDGSEVKLGDVATVELGAEKYDYLSRFNGNPASGLGVKLASGANE(MSE)ATAKLVLDRLNELAQYFPH
GLEYKIAYETTSFVKA
;
_entity_poly.pdbx_strand_id   A,B
#
# COMPACT_ATOMS: atom_id res chain seq x y z
N ALA A 8 0.94 -12.27 2.90
CA ALA A 8 1.56 -12.19 4.22
C ALA A 8 2.92 -11.49 4.16
N PRO A 9 2.90 -10.16 4.15
CA PRO A 9 4.11 -9.33 4.12
C PRO A 9 4.67 -9.04 5.51
N PRO A 10 5.90 -8.52 5.59
CA PRO A 10 6.48 -8.10 6.87
C PRO A 10 6.24 -6.62 7.18
N ASN A 11 5.93 -6.32 8.44
CA ASN A 11 5.72 -4.94 8.86
C ASN A 11 6.27 -4.68 10.26
N VAL A 12 7.26 -3.80 10.33
CA VAL A 12 7.92 -3.49 11.60
C VAL A 12 7.42 -2.18 12.19
N ARG A 13 6.77 -2.27 13.35
CA ARG A 13 6.22 -1.08 13.99
C ARG A 13 7.08 -0.61 15.16
N ILE A 14 7.42 0.68 15.14
CA ILE A 14 8.21 1.30 16.19
C ILE A 14 7.30 2.11 17.11
N THR A 15 7.61 2.14 18.40
CA THR A 15 6.78 2.87 19.35
C THR A 15 7.61 3.56 20.43
N ALA A 16 7.55 4.89 20.45
CA ALA A 16 8.22 5.67 21.47
C ALA A 16 7.23 6.57 22.20
N ASN A 17 7.56 6.92 23.44
CA ASN A 17 6.68 7.76 24.25
C ASN A 17 7.43 8.85 25.01
N TYR A 18 7.00 10.09 24.82
CA TYR A 18 7.52 11.19 25.60
C TYR A 18 6.37 11.93 26.28
N PRO A 19 6.03 11.52 27.51
CA PRO A 19 4.96 12.13 28.30
C PRO A 19 5.20 13.62 28.56
N GLY A 20 4.22 14.44 28.23
CA GLY A 20 4.31 15.87 28.45
C GLY A 20 4.65 16.63 27.17
N ALA A 21 4.95 15.88 26.11
CA ALA A 21 5.36 16.51 24.86
C ALA A 21 4.19 16.78 23.94
N SER A 22 4.19 17.95 23.32
CA SER A 22 3.23 18.27 22.28
C SER A 22 3.53 17.44 21.04
N ALA A 23 2.54 17.29 20.16
CA ALA A 23 2.73 16.55 18.91
C ALA A 23 3.88 17.14 18.11
N GLN A 24 3.97 18.46 18.11
CA GLN A 24 5.07 19.18 17.45
C GLN A 24 6.41 18.77 18.08
N THR A 25 6.44 18.78 19.41
CA THR A 25 7.62 18.40 20.16
C THR A 25 8.07 16.99 19.81
N LEU A 26 7.12 16.06 19.86
CA LEU A 26 7.39 14.65 19.66
C LEU A 26 8.06 14.35 18.32
N GLU A 27 7.53 14.91 17.23
CA GLU A 27 8.03 14.60 15.91
C GLU A 27 9.49 15.01 15.72
N ASN A 28 9.78 16.28 15.96
CA ASN A 28 11.12 16.82 15.78
C ASN A 28 12.17 16.08 16.61
N THR A 29 11.83 15.77 17.85
CA THR A 29 12.77 15.16 18.78
C THR A 29 12.86 13.64 18.62
N VAL A 30 11.75 13.03 18.24
CA VAL A 30 11.68 11.58 18.14
C VAL A 30 11.40 11.11 16.72
N THR A 31 10.15 11.30 16.28
CA THR A 31 9.67 10.77 15.02
C THR A 31 10.56 11.15 13.83
N GLN A 32 10.95 12.41 13.76
CA GLN A 32 11.80 12.87 12.67
C GLN A 32 13.19 12.25 12.79
N VAL A 33 13.68 12.15 14.03
CA VAL A 33 15.00 11.59 14.28
C VAL A 33 15.06 10.10 13.96
N ILE A 34 14.06 9.35 14.41
CA ILE A 34 14.04 7.91 14.20
C ILE A 34 13.90 7.58 12.72
N GLU A 35 13.06 8.32 12.00
CA GLU A 35 12.93 8.17 10.56
C GLU A 35 14.29 8.27 9.88
N GLN A 36 15.05 9.27 10.29
CA GLN A 36 16.34 9.57 9.69
C GLN A 36 17.41 8.52 10.02
N ASN A 37 17.15 7.71 11.04
CA ASN A 37 18.05 6.62 11.37
C ASN A 37 17.66 5.33 10.68
N THR A 39 17.70 5.26 7.51
CA THR A 39 18.22 5.77 6.24
C THR A 39 18.42 4.71 5.16
N GLY A 40 19.28 3.75 5.47
CA GLY A 40 19.58 2.68 4.55
C GLY A 40 19.01 1.38 5.06
N LEU A 41 18.03 0.87 4.35
CA LEU A 41 17.46 -0.45 4.62
C LEU A 41 17.32 -1.21 3.31
N ASP A 42 17.41 -2.54 3.37
CA ASP A 42 17.15 -3.36 2.18
C ASP A 42 15.85 -4.10 2.41
N ASN A 43 15.21 -4.49 1.32
CA ASN A 43 13.82 -4.92 1.27
C ASN A 43 12.81 -3.85 1.70
N LEU A 44 13.29 -2.73 2.24
CA LEU A 44 12.41 -1.61 2.62
C LEU A 44 11.72 -1.02 1.39
N TYR A 46 8.76 1.63 1.97
CA TYR A 46 8.33 2.94 2.43
C TYR A 46 8.20 2.94 3.95
N SER A 48 5.93 4.74 7.18
CA SER A 48 4.88 5.62 7.65
C SER A 48 5.14 5.97 9.10
N SER A 49 4.70 7.15 9.50
CA SER A 49 4.90 7.59 10.88
C SER A 49 3.81 8.56 11.30
N GLN A 50 3.60 8.67 12.60
CA GLN A 50 2.67 9.66 13.14
C GLN A 50 3.16 10.17 14.48
N SER A 51 2.66 11.32 14.89
CA SER A 51 3.04 11.92 16.16
C SER A 51 1.81 12.43 16.88
N SER A 52 1.18 11.55 17.65
CA SER A 52 -0.07 11.86 18.32
C SER A 52 0.12 12.88 19.45
N GLY A 53 -0.95 13.60 19.76
CA GLY A 53 -0.96 14.53 20.88
C GLY A 53 -0.91 13.77 22.19
N THR A 54 -1.14 12.46 22.10
CA THR A 54 -0.98 11.53 23.21
C THR A 54 0.40 11.65 23.83
N GLY A 55 1.40 11.83 22.98
CA GLY A 55 2.79 11.85 23.42
C GLY A 55 3.46 10.57 22.99
N GLN A 56 2.82 9.85 22.08
CA GLN A 56 3.33 8.58 21.58
C GLN A 56 3.67 8.64 20.10
N ALA A 57 4.91 8.32 19.77
CA ALA A 57 5.35 8.28 18.38
C ALA A 57 5.32 6.85 17.85
N THR A 58 5.00 6.71 16.57
CA THR A 58 4.95 5.39 15.94
C THR A 58 5.39 5.48 14.48
N ILE A 59 6.41 4.70 14.13
CA ILE A 59 6.92 4.69 12.76
C ILE A 59 6.90 3.27 12.18
N THR A 60 5.77 2.89 11.63
CA THR A 60 5.61 1.57 11.03
C THR A 60 6.41 1.45 9.73
N LEU A 61 7.12 0.34 9.57
CA LEU A 61 7.91 0.08 8.37
C LEU A 61 7.27 -1.00 7.50
N SER A 62 7.66 -1.06 6.23
CA SER A 62 7.08 -2.02 5.30
C SER A 62 8.10 -2.54 4.29
N PHE A 63 8.14 -3.86 4.11
CA PHE A 63 9.18 -4.46 3.28
C PHE A 63 8.62 -5.28 2.11
N ILE A 64 9.50 -5.62 1.16
CA ILE A 64 9.09 -6.34 -0.04
C ILE A 64 8.57 -7.74 0.30
N ALA A 65 7.65 -8.23 -0.51
CA ALA A 65 7.10 -9.56 -0.33
C ALA A 65 8.18 -10.62 -0.51
N GLY A 66 8.30 -11.52 0.46
CA GLY A 66 9.35 -12.52 0.44
C GLY A 66 10.50 -12.11 1.32
N THR A 67 10.20 -11.29 2.32
CA THR A 67 11.19 -10.86 3.29
C THR A 67 10.99 -11.62 4.59
N ASP A 68 12.09 -12.05 5.21
CA ASP A 68 12.04 -12.72 6.51
C ASP A 68 11.69 -11.69 7.59
N PRO A 69 10.47 -11.77 8.14
CA PRO A 69 9.96 -10.79 9.09
C PRO A 69 10.82 -10.71 10.36
N ASP A 70 11.14 -11.87 10.91
CA ASP A 70 11.94 -11.93 12.14
C ASP A 70 13.36 -11.43 11.91
N GLU A 71 13.85 -11.59 10.68
CA GLU A 71 15.17 -11.08 10.34
C GLU A 71 15.08 -9.62 9.89
N ALA A 72 13.95 -9.27 9.30
CA ALA A 72 13.67 -7.87 8.99
C ALA A 72 13.61 -7.08 10.28
N VAL A 73 13.00 -7.67 11.30
CA VAL A 73 12.92 -7.05 12.62
C VAL A 73 14.28 -6.99 13.29
N GLN A 74 14.99 -8.12 13.28
CA GLN A 74 16.30 -8.22 13.90
C GLN A 74 17.29 -7.24 13.29
N GLN A 75 17.14 -7.01 11.99
CA GLN A 75 18.00 -6.08 11.25
C GLN A 75 17.80 -4.64 11.75
N VAL A 76 16.54 -4.24 11.89
CA VAL A 76 16.20 -2.87 12.24
C VAL A 76 16.70 -2.46 13.63
N GLN A 77 16.55 -3.37 14.60
CA GLN A 77 16.88 -3.09 16.00
C GLN A 77 18.26 -2.49 16.21
N ASN A 78 19.19 -2.80 15.31
CA ASN A 78 20.57 -2.35 15.45
C ASN A 78 20.81 -0.98 14.80
N GLN A 79 19.90 -0.57 13.93
CA GLN A 79 19.88 0.82 13.47
C GLN A 79 19.24 1.66 14.57
N LEU A 80 18.32 1.03 15.29
CA LEU A 80 17.74 1.65 16.48
C LEU A 80 18.79 1.75 17.58
N GLN A 81 19.68 0.75 17.63
CA GLN A 81 20.83 0.77 18.52
C GLN A 81 21.62 2.07 18.37
N SER A 82 21.74 2.53 17.12
CA SER A 82 22.43 3.78 16.83
C SER A 82 21.51 4.98 17.05
N ALA A 83 20.21 4.73 17.04
CA ALA A 83 19.22 5.80 17.15
C ALA A 83 18.96 6.22 18.58
N ARG A 85 20.85 6.73 21.00
CA ARG A 85 21.76 7.84 21.23
C ARG A 85 21.12 9.23 21.15
N LYS A 86 20.37 9.45 20.07
CA LYS A 86 19.93 10.79 19.70
C LYS A 86 18.62 11.23 20.35
N LEU A 87 17.79 10.28 20.74
CA LEU A 87 16.47 10.58 21.29
C LEU A 87 16.55 11.23 22.67
N PRO A 88 15.48 11.93 23.09
CA PRO A 88 15.43 12.50 24.44
C PRO A 88 15.64 11.44 25.52
N GLN A 89 16.28 11.85 26.61
CA GLN A 89 16.59 10.97 27.75
C GLN A 89 15.39 10.15 28.20
N ALA A 90 14.25 10.83 28.33
CA ALA A 90 13.05 10.21 28.87
C ALA A 90 12.41 9.24 27.87
N VAL A 91 12.62 9.47 26.59
CA VAL A 91 12.13 8.54 25.57
C VAL A 91 12.91 7.23 25.69
N GLN A 92 14.22 7.35 25.92
CA GLN A 92 15.07 6.19 26.17
C GLN A 92 14.64 5.48 27.46
N ASP A 93 14.36 6.27 28.48
CA ASP A 93 13.92 5.74 29.77
C ASP A 93 12.58 5.02 29.61
N GLN A 94 11.69 5.60 28.82
CA GLN A 94 10.40 4.99 28.54
C GLN A 94 10.56 3.66 27.82
N GLY A 95 11.40 3.65 26.80
CA GLY A 95 11.64 2.45 26.03
C GLY A 95 10.94 2.47 24.69
N VAL A 96 11.70 2.16 23.65
CA VAL A 96 11.16 2.07 22.29
C VAL A 96 10.80 0.62 21.99
N THR A 97 9.56 0.39 21.56
CA THR A 97 9.08 -0.96 21.34
C THR A 97 9.01 -1.34 19.86
N VAL A 98 9.76 -2.37 19.50
CA VAL A 98 9.73 -2.91 18.14
C VAL A 98 8.79 -4.11 18.08
N ARG A 99 7.74 -4.01 17.28
CA ARG A 99 6.73 -5.05 17.22
C ARG A 99 6.39 -5.46 15.80
N LYS A 100 6.11 -6.75 15.61
CA LYS A 100 5.76 -7.28 14.29
C LYS A 100 4.27 -7.12 14.01
N THR A 101 3.90 -5.92 13.54
CA THR A 101 2.52 -5.64 13.21
C THR A 101 2.43 -4.54 12.16
N GLY A 102 1.32 -4.51 11.43
CA GLY A 102 1.10 -3.51 10.40
C GLY A 102 -0.01 -2.56 10.75
N ASP A 103 -0.42 -2.58 12.02
CA ASP A 103 -1.50 -1.74 12.50
C ASP A 103 -0.99 -0.40 13.02
N THR A 104 -1.78 0.64 12.82
CA THR A 104 -1.44 1.98 13.32
C THR A 104 -2.64 2.62 14.01
N ASN A 105 -2.37 3.53 14.94
CA ASN A 105 -3.44 4.25 15.61
C ASN A 105 -4.10 5.25 14.67
N ILE A 106 -5.42 5.28 14.65
CA ILE A 106 -6.15 6.17 13.75
C ILE A 106 -7.13 7.06 14.51
N LEU A 107 -7.52 6.62 15.70
CA LEU A 107 -8.46 7.37 16.52
C LEU A 107 -8.11 7.26 18.00
N THR A 108 -8.19 8.39 18.70
CA THR A 108 -8.01 8.39 20.15
C THR A 108 -9.21 9.06 20.79
N ILE A 109 -9.91 8.29 21.63
CA ILE A 109 -11.16 8.74 22.21
C ILE A 109 -11.05 8.99 23.71
N ALA A 110 -11.45 10.17 24.14
CA ALA A 110 -11.44 10.53 25.56
C ALA A 110 -12.84 10.49 26.14
N PHE A 111 -13.01 9.77 27.24
CA PHE A 111 -14.30 9.69 27.92
C PHE A 111 -14.32 10.56 29.17
N VAL A 112 -15.14 11.59 29.16
CA VAL A 112 -15.08 12.62 30.19
C VAL A 112 -16.30 12.63 31.09
N SER A 113 -16.08 12.89 32.38
CA SER A 113 -17.16 13.03 33.34
C SER A 113 -17.48 14.51 33.58
N THR A 114 -18.56 14.98 32.97
CA THR A 114 -18.95 16.38 33.06
C THR A 114 -19.31 16.77 34.50
N ASP A 115 -19.93 15.83 35.21
CA ASP A 115 -20.29 16.06 36.61
C ASP A 115 -19.06 16.05 37.51
N GLY A 116 -18.24 15.01 37.35
CA GLY A 116 -17.21 14.69 38.31
C GLY A 116 -17.76 13.61 39.22
N SER A 117 -18.88 13.03 38.79
CA SER A 117 -19.54 11.97 39.53
C SER A 117 -18.85 10.63 39.33
N ASP A 119 -14.73 9.20 39.07
CA ASP A 119 -13.31 9.50 39.11
C ASP A 119 -12.59 8.82 37.93
N LYS A 120 -11.31 9.15 37.78
CA LYS A 120 -10.48 8.63 36.70
C LYS A 120 -10.52 7.10 36.58
N GLN A 121 -10.55 6.43 37.73
CA GLN A 121 -10.50 4.98 37.76
C GLN A 121 -11.89 4.35 37.62
N ASP A 122 -12.93 5.10 37.98
CA ASP A 122 -14.29 4.65 37.70
C ASP A 122 -14.49 4.57 36.20
N ILE A 123 -14.18 5.67 35.53
CA ILE A 123 -14.29 5.77 34.08
C ILE A 123 -13.41 4.75 33.38
N ALA A 124 -12.22 4.54 33.93
CA ALA A 124 -11.27 3.59 33.36
C ALA A 124 -11.86 2.18 33.30
N ASP A 125 -12.65 1.82 34.31
CA ASP A 125 -13.25 0.50 34.39
C ASP A 125 -14.41 0.35 33.41
N TYR A 126 -15.26 1.36 33.31
CA TYR A 126 -16.41 1.33 32.41
C TYR A 126 -15.95 1.14 30.96
N VAL A 127 -14.85 1.78 30.60
CA VAL A 127 -14.27 1.64 29.27
C VAL A 127 -13.84 0.20 29.02
N ALA A 128 -13.18 -0.40 30.01
CA ALA A 128 -12.70 -1.77 29.91
C ALA A 128 -13.84 -2.76 29.70
N SER A 129 -14.84 -2.69 30.58
CA SER A 129 -15.93 -3.66 30.59
C SER A 129 -16.87 -3.52 29.39
N ASN A 130 -17.32 -2.30 29.12
CA ASN A 130 -18.41 -2.09 28.17
C ASN A 130 -18.01 -1.67 26.76
N ILE A 131 -16.90 -0.95 26.64
CA ILE A 131 -16.57 -0.31 25.38
C ILE A 131 -15.57 -1.09 24.52
N GLN A 132 -14.51 -1.58 25.15
CA GLN A 132 -13.40 -2.19 24.42
C GLN A 132 -13.80 -3.42 23.60
N ASP A 133 -14.54 -4.32 24.22
CA ASP A 133 -14.89 -5.58 23.57
C ASP A 133 -15.81 -5.43 22.34
N PRO A 134 -16.93 -4.70 22.46
CA PRO A 134 -17.82 -4.64 21.30
C PRO A 134 -17.24 -3.91 20.10
N LEU A 135 -16.26 -3.05 20.33
CA LEU A 135 -15.65 -2.28 19.26
C LEU A 135 -14.55 -3.08 18.57
N SER A 136 -14.02 -4.10 19.24
CA SER A 136 -13.06 -4.99 18.62
C SER A 136 -13.78 -5.89 17.62
N ARG A 137 -15.07 -6.06 17.85
CA ARG A 137 -15.91 -6.86 16.97
C ARG A 137 -16.19 -6.11 15.66
N VAL A 138 -15.97 -4.80 15.68
CA VAL A 138 -16.15 -3.96 14.50
C VAL A 138 -15.26 -4.45 13.35
N ASN A 139 -15.87 -4.67 12.19
CA ASN A 139 -15.13 -5.13 11.02
C ASN A 139 -14.09 -4.12 10.55
N GLY A 140 -12.82 -4.44 10.77
CA GLY A 140 -11.73 -3.58 10.32
C GLY A 140 -10.81 -3.14 11.43
N VAL A 141 -11.11 -3.56 12.66
CA VAL A 141 -10.30 -3.17 13.81
C VAL A 141 -9.17 -4.14 14.07
N GLY A 142 -7.95 -3.62 14.08
CA GLY A 142 -6.77 -4.42 14.35
C GLY A 142 -6.56 -4.66 15.83
N ASP A 143 -6.69 -3.60 16.62
CA ASP A 143 -6.49 -3.68 18.07
C ASP A 143 -7.12 -2.48 18.77
N ILE A 144 -7.47 -2.66 20.03
CA ILE A 144 -8.04 -1.59 20.85
C ILE A 144 -7.42 -1.56 22.23
N ASP A 145 -6.89 -0.40 22.61
CA ASP A 145 -6.19 -0.27 23.87
C ASP A 145 -6.93 0.63 24.84
N ALA A 146 -7.53 0.02 25.87
CA ALA A 146 -8.11 0.77 26.97
C ALA A 146 -6.99 1.11 27.96
N TYR A 147 -6.42 2.30 27.79
CA TYR A 147 -5.20 2.70 28.49
C TYR A 147 -5.30 2.61 30.01
N GLY A 148 -6.49 2.81 30.55
CA GLY A 148 -6.70 2.71 31.99
C GLY A 148 -6.73 1.27 32.46
N SER A 149 -6.70 0.35 31.51
CA SER A 149 -6.77 -1.08 31.81
C SER A 149 -5.55 -1.81 31.27
N GLN A 150 -4.46 -1.08 31.03
CA GLN A 150 -3.27 -1.67 30.44
C GLN A 150 -2.00 -1.34 31.21
N TYR A 151 -0.98 -2.17 31.01
CA TYR A 151 0.32 -1.99 31.65
C TYR A 151 1.40 -2.81 30.96
N SER A 152 2.65 -2.46 31.22
CA SER A 152 3.79 -3.15 30.61
C SER A 152 4.37 -4.21 31.52
N ARG A 154 7.82 -5.77 31.85
CA ARG A 154 9.21 -5.69 31.42
C ARG A 154 9.93 -7.00 31.68
N ILE A 155 10.48 -7.58 30.61
CA ILE A 155 11.13 -8.89 30.69
C ILE A 155 12.59 -8.81 30.26
N TRP A 156 13.48 -8.72 31.23
CA TRP A 156 14.91 -8.64 30.95
C TRP A 156 15.50 -10.03 30.70
N LEU A 157 16.59 -10.07 29.94
CA LEU A 157 17.20 -11.33 29.58
C LEU A 157 18.68 -11.37 29.93
N ASP A 158 19.08 -12.42 30.63
CA ASP A 158 20.48 -12.66 30.97
C ASP A 158 21.28 -12.96 29.72
N PRO A 159 22.38 -12.23 29.50
CA PRO A 159 23.30 -12.62 28.43
C PRO A 159 23.82 -14.05 28.64
N ALA A 160 24.57 -14.25 29.73
CA ALA A 160 25.21 -15.53 30.04
C ALA A 160 24.27 -16.74 29.86
N LYS A 161 23.04 -16.61 30.35
CA LYS A 161 22.05 -17.67 30.17
C LYS A 161 21.80 -17.92 28.69
N LEU A 162 21.36 -16.87 27.98
CA LEU A 162 21.05 -16.97 26.56
C LEU A 162 22.20 -17.53 25.72
N ASN A 163 23.43 -17.23 26.14
CA ASN A 163 24.61 -17.79 25.49
C ASN A 163 24.70 -19.30 25.67
N SER A 164 24.35 -19.77 26.86
CA SER A 164 24.45 -21.18 27.19
C SER A 164 23.55 -22.08 26.35
N PHE A 165 22.29 -21.66 26.18
CA PHE A 165 21.28 -22.48 25.52
C PHE A 165 21.45 -22.50 24.00
N GLN A 166 22.14 -21.50 23.47
CA GLN A 166 22.23 -21.25 22.02
C GLN A 166 20.86 -20.94 21.46
N THR A 168 17.54 -18.53 20.49
CA THR A 168 17.40 -17.25 19.82
C THR A 168 16.18 -16.51 20.36
N THR A 169 16.31 -15.19 20.50
CA THR A 169 15.26 -14.36 21.08
C THR A 169 13.98 -14.39 20.25
N LYS A 170 14.14 -14.64 18.95
CA LYS A 170 12.99 -14.82 18.06
C LYS A 170 12.06 -15.90 18.60
N ASP A 171 12.64 -17.04 18.97
CA ASP A 171 11.87 -18.15 19.54
C ASP A 171 11.17 -17.72 20.81
N VAL A 172 11.85 -16.93 21.64
CA VAL A 172 11.28 -16.44 22.89
C VAL A 172 10.02 -15.61 22.64
N THR A 173 10.07 -14.75 21.63
CA THR A 173 8.92 -13.93 21.25
C THR A 173 7.74 -14.82 20.86
N ASP A 174 7.94 -15.66 19.85
CA ASP A 174 6.90 -16.55 19.36
C ASP A 174 6.40 -17.50 20.44
N ALA A 175 7.28 -17.87 21.36
CA ALA A 175 6.92 -18.78 22.45
C ALA A 175 5.85 -18.17 23.34
N ILE A 176 5.83 -16.85 23.43
CA ILE A 176 4.85 -16.16 24.25
C ILE A 176 3.58 -15.86 23.44
N GLU A 177 3.73 -15.77 22.14
CA GLU A 177 2.59 -15.55 21.26
C GLU A 177 1.88 -16.87 20.96
N SER A 178 2.57 -17.97 21.16
CA SER A 178 2.05 -19.30 20.83
C SER A 178 0.79 -19.66 21.61
N GLN A 179 0.72 -19.22 22.86
CA GLN A 179 -0.42 -19.52 23.72
C GLN A 179 -1.66 -18.75 23.28
N ASN A 180 -1.50 -17.89 22.28
CA ASN A 180 -2.57 -17.05 21.76
C ASN A 180 -3.24 -16.23 22.85
N ALA A 181 -2.49 -15.92 23.90
CA ALA A 181 -2.94 -14.94 24.88
C ALA A 181 -3.07 -13.61 24.14
N GLN A 182 -4.17 -12.91 24.36
CA GLN A 182 -4.40 -11.64 23.71
C GLN A 182 -3.47 -10.60 24.34
N ILE A 183 -2.19 -10.71 23.99
CA ILE A 183 -1.16 -9.82 24.49
C ILE A 183 -0.37 -9.23 23.32
N ALA A 184 0.29 -8.10 23.54
CA ALA A 184 1.13 -7.51 22.51
C ALA A 184 2.60 -7.64 22.89
N VAL A 185 3.37 -8.35 22.07
CA VAL A 185 4.78 -8.60 22.38
C VAL A 185 5.71 -7.75 21.53
N GLY A 186 6.50 -6.90 22.19
CA GLY A 186 7.45 -6.06 21.51
C GLY A 186 8.88 -6.31 21.96
N GLN A 187 9.80 -5.47 21.49
CA GLN A 187 11.21 -5.58 21.87
C GLN A 187 11.83 -4.20 22.05
N LEU A 188 12.51 -4.00 23.17
CA LEU A 188 13.17 -2.73 23.45
C LEU A 188 14.53 -2.64 22.75
N GLY A 189 14.71 -1.58 21.97
CA GLY A 189 15.95 -1.35 21.27
C GLY A 189 16.99 -0.66 22.13
N GLY A 190 18.26 -0.81 21.78
CA GLY A 190 19.34 -0.22 22.55
C GLY A 190 20.71 -0.55 21.97
N GLN A 197 19.75 -7.55 27.36
CA GLN A 197 18.62 -7.18 26.52
C GLN A 197 17.31 -7.16 27.31
N ALA A 198 16.28 -6.59 26.71
CA ALA A 198 14.98 -6.48 27.38
C ALA A 198 13.84 -6.66 26.39
N LEU A 199 12.74 -7.25 26.87
CA LEU A 199 11.52 -7.37 26.08
C LEU A 199 10.38 -6.71 26.86
N ASN A 200 9.32 -6.35 26.14
CA ASN A 200 8.18 -5.70 26.78
C ASN A 200 6.84 -6.16 26.20
N ALA A 201 5.92 -6.54 27.07
CA ALA A 201 4.61 -6.99 26.65
C ALA A 201 3.51 -6.06 27.14
N THR A 202 2.43 -5.97 26.37
CA THR A 202 1.30 -5.14 26.74
C THR A 202 0.12 -6.00 27.18
N ILE A 203 -0.41 -5.72 28.37
CA ILE A 203 -1.49 -6.52 28.94
C ILE A 203 -2.81 -5.75 28.94
N ASN A 204 -3.85 -6.39 28.38
CA ASN A 204 -5.19 -5.81 28.40
C ASN A 204 -6.01 -6.39 29.54
N ALA A 205 -7.32 -6.14 29.51
CA ALA A 205 -8.22 -6.74 30.48
C ALA A 205 -8.67 -8.11 29.97
N GLN A 206 -8.38 -8.38 28.70
CA GLN A 206 -8.79 -9.61 28.03
C GLN A 206 -7.77 -10.72 28.19
N SER A 207 -6.51 -10.33 28.39
CA SER A 207 -5.36 -11.23 28.34
C SER A 207 -5.49 -12.48 29.21
N LEU A 208 -4.98 -13.59 28.69
CA LEU A 208 -4.98 -14.85 29.43
C LEU A 208 -3.92 -14.85 30.51
N LEU A 209 -2.79 -14.21 30.21
CA LEU A 209 -1.70 -14.08 31.17
C LEU A 209 -1.61 -12.62 31.63
N GLN A 210 -1.74 -12.40 32.94
CA GLN A 210 -1.79 -11.05 33.48
C GLN A 210 -0.74 -10.82 34.57
N THR A 211 -0.25 -11.91 35.16
CA THR A 211 0.70 -11.82 36.26
C THR A 211 2.07 -12.35 35.86
N PRO A 212 3.14 -11.88 36.52
CA PRO A 212 4.49 -12.39 36.22
C PRO A 212 4.62 -13.88 36.50
N GLN A 213 3.92 -14.37 37.52
CA GLN A 213 3.89 -15.80 37.80
C GLN A 213 3.44 -16.56 36.56
N GLN A 214 2.37 -16.08 35.95
CA GLN A 214 1.87 -16.65 34.70
C GLN A 214 2.93 -16.56 33.61
N PHE A 215 3.65 -15.44 33.56
CA PHE A 215 4.71 -15.23 32.57
C PHE A 215 5.90 -16.14 32.83
N ARG A 216 6.28 -16.28 34.09
CA ARG A 216 7.40 -17.15 34.45
C ARG A 216 7.03 -18.62 34.24
N ASP A 217 5.77 -18.96 34.51
CA ASP A 217 5.31 -20.33 34.42
C ASP A 217 4.77 -20.67 33.04
N ILE A 218 5.57 -20.43 32.00
CA ILE A 218 5.25 -20.90 30.66
C ILE A 218 6.47 -21.59 30.06
N THR A 219 6.23 -22.52 29.14
CA THR A 219 7.33 -23.25 28.53
C THR A 219 7.69 -22.68 27.16
N LEU A 220 8.89 -22.11 27.07
CA LEU A 220 9.38 -21.58 25.82
C LEU A 220 9.81 -22.70 24.89
N ARG A 221 10.63 -23.60 25.42
CA ARG A 221 11.21 -24.67 24.63
C ARG A 221 11.22 -25.99 25.39
N VAL A 222 11.14 -27.09 24.67
CA VAL A 222 11.36 -28.41 25.24
C VAL A 222 12.70 -28.94 24.73
N ASN A 223 13.62 -29.18 25.65
CA ASN A 223 14.98 -29.58 25.28
C ASN A 223 15.06 -30.99 24.73
N GLN A 224 16.25 -31.38 24.27
CA GLN A 224 16.46 -32.71 23.72
C GLN A 224 16.53 -33.77 24.81
N ASP A 225 16.84 -33.34 26.04
CA ASP A 225 16.83 -34.26 27.17
C ASP A 225 15.40 -34.38 27.69
N GLY A 226 14.52 -33.54 27.16
CA GLY A 226 13.10 -33.62 27.45
C GLY A 226 12.60 -32.69 28.53
N SER A 227 13.51 -31.93 29.14
CA SER A 227 13.15 -31.00 30.19
C SER A 227 12.37 -29.81 29.62
N GLU A 228 11.55 -29.18 30.46
CA GLU A 228 10.85 -27.97 30.08
C GLU A 228 11.72 -26.76 30.36
N VAL A 229 11.69 -25.78 29.46
CA VAL A 229 12.37 -24.52 29.69
C VAL A 229 11.35 -23.41 29.94
N LYS A 230 11.45 -22.79 31.10
CA LYS A 230 10.52 -21.73 31.45
C LYS A 230 11.22 -20.38 31.55
N LEU A 231 10.44 -19.32 31.39
CA LEU A 231 10.97 -17.96 31.24
C LEU A 231 11.90 -17.52 32.36
N GLY A 232 11.51 -17.81 33.60
CA GLY A 232 12.25 -17.36 34.77
C GLY A 232 13.68 -17.85 34.88
N ASP A 233 14.02 -18.86 34.07
CA ASP A 233 15.37 -19.41 34.07
C ASP A 233 16.31 -18.57 33.22
N VAL A 234 15.76 -17.97 32.17
CA VAL A 234 16.56 -17.20 31.22
C VAL A 234 16.17 -15.73 31.20
N ALA A 235 15.01 -15.43 31.78
CA ALA A 235 14.49 -14.07 31.75
C ALA A 235 14.00 -13.61 33.11
N THR A 236 14.25 -12.34 33.42
CA THR A 236 13.81 -11.75 34.68
C THR A 236 12.57 -10.89 34.44
N VAL A 237 11.45 -11.32 34.99
CA VAL A 237 10.17 -10.70 34.72
C VAL A 237 9.74 -9.73 35.83
N GLU A 238 9.74 -8.44 35.52
CA GLU A 238 9.30 -7.42 36.46
C GLU A 238 8.24 -6.53 35.83
N LEU A 239 7.32 -6.04 36.66
CA LEU A 239 6.32 -5.08 36.20
C LEU A 239 6.99 -3.79 35.78
N GLY A 240 6.43 -3.15 34.75
CA GLY A 240 6.92 -1.86 34.29
C GLY A 240 5.91 -0.78 34.64
N ALA A 241 6.32 0.14 35.51
CA ALA A 241 5.43 1.21 35.93
C ALA A 241 5.36 2.31 34.87
N GLU A 242 4.27 2.31 34.12
CA GLU A 242 4.05 3.32 33.08
C GLU A 242 2.61 3.83 33.08
N LYS A 243 2.43 5.06 32.63
CA LYS A 243 1.11 5.65 32.49
C LYS A 243 0.72 5.59 31.02
N TYR A 244 -0.19 4.68 30.70
CA TYR A 244 -0.60 4.36 29.32
C TYR A 244 -1.64 5.35 28.82
N ASP A 245 -2.31 6.00 29.77
CA ASP A 245 -3.36 6.98 29.49
C ASP A 245 -2.77 8.37 29.62
N TYR A 246 -3.11 9.28 28.72
CA TYR A 246 -2.64 10.66 28.82
C TYR A 246 -3.60 11.43 29.73
N LEU A 247 -4.73 10.81 30.00
CA LEU A 247 -5.84 11.51 30.62
C LEU A 247 -6.15 11.10 32.05
N SER A 248 -6.11 12.08 32.95
CA SER A 248 -6.73 11.97 34.25
C SER A 248 -7.82 13.04 34.30
N ARG A 249 -7.64 14.02 33.43
CA ARG A 249 -8.57 15.14 33.29
C ARG A 249 -8.61 15.63 31.83
N PHE A 250 -9.81 15.77 31.28
CA PHE A 250 -9.98 16.45 30.00
C PHE A 250 -10.80 17.72 30.23
N ASN A 251 -10.21 18.86 29.87
CA ASN A 251 -10.83 20.16 30.10
C ASN A 251 -11.18 20.35 31.57
N GLY A 252 -10.29 19.91 32.45
CA GLY A 252 -10.52 20.04 33.88
C GLY A 252 -11.55 19.09 34.44
N ASN A 253 -12.04 18.19 33.59
CA ASN A 253 -13.03 17.21 34.00
C ASN A 253 -12.45 15.80 33.97
N PRO A 254 -12.81 14.98 34.98
CA PRO A 254 -12.30 13.60 35.11
C PRO A 254 -12.46 12.80 33.82
N ALA A 255 -11.41 12.15 33.37
CA ALA A 255 -11.45 11.45 32.10
C ALA A 255 -10.45 10.30 31.99
N SER A 256 -10.80 9.33 31.14
CA SER A 256 -9.89 8.25 30.77
C SER A 256 -10.12 7.92 29.30
N GLY A 257 -9.07 7.46 28.61
CA GLY A 257 -9.15 7.31 27.18
C GLY A 257 -8.76 5.95 26.60
N LEU A 258 -8.81 5.86 25.28
CA LEU A 258 -8.42 4.64 24.58
C LEU A 258 -7.86 4.94 23.19
N GLY A 259 -7.05 4.03 22.67
CA GLY A 259 -6.50 4.15 21.34
C GLY A 259 -7.11 3.10 20.42
N VAL A 260 -7.31 3.48 19.16
CA VAL A 260 -7.94 2.58 18.19
C VAL A 260 -7.03 2.30 17.00
N LYS A 261 -6.40 1.13 17.01
CA LYS A 261 -5.53 0.72 15.93
C LYS A 261 -6.33 0.15 14.76
N LEU A 262 -5.79 0.29 13.56
CA LEU A 262 -6.49 -0.19 12.36
C LEU A 262 -5.80 -1.42 11.76
N ALA A 263 -6.60 -2.43 11.42
CA ALA A 263 -6.09 -3.63 10.79
C ALA A 263 -5.36 -3.31 9.49
N SER A 264 -4.41 -4.16 9.13
CA SER A 264 -3.53 -3.92 7.99
C SER A 264 -4.26 -3.67 6.68
N GLY A 265 -5.08 -4.63 6.25
CA GLY A 265 -5.75 -4.55 4.97
C GLY A 265 -7.00 -3.70 4.96
N ALA A 266 -7.61 -3.51 6.13
CA ALA A 266 -8.89 -2.81 6.24
C ALA A 266 -8.81 -1.35 5.81
N ASN A 267 -9.93 -0.85 5.29
CA ASN A 267 -10.04 0.56 4.91
C ASN A 267 -10.30 1.44 6.13
N GLU A 268 -9.53 2.51 6.25
CA GLU A 268 -9.64 3.43 7.37
C GLU A 268 -11.04 3.99 7.53
N ALA A 270 -13.95 3.22 6.16
CA ALA A 270 -14.99 2.23 6.36
C ALA A 270 -15.08 1.85 7.83
N THR A 271 -13.93 1.56 8.42
CA THR A 271 -13.86 1.18 9.82
C THR A 271 -14.11 2.38 10.74
N ALA A 272 -13.57 3.53 10.36
CA ALA A 272 -13.72 4.75 11.14
C ALA A 272 -15.19 5.07 11.40
N LYS A 273 -15.99 4.93 10.35
CA LYS A 273 -17.43 5.12 10.50
C LYS A 273 -18.02 3.96 11.32
N LEU A 274 -17.53 2.75 11.04
CA LEU A 274 -18.05 1.55 11.69
C LEU A 274 -17.88 1.55 13.20
N VAL A 275 -16.71 1.98 13.69
CA VAL A 275 -16.50 2.04 15.13
C VAL A 275 -17.30 3.17 15.78
N LEU A 276 -17.29 4.33 15.14
CA LEU A 276 -17.94 5.51 15.71
C LEU A 276 -19.45 5.38 15.72
N ASP A 277 -20.00 4.80 14.65
CA ASP A 277 -21.44 4.54 14.60
C ASP A 277 -21.79 3.48 15.64
N ARG A 278 -20.90 2.51 15.80
CA ARG A 278 -21.06 1.52 16.87
C ARG A 278 -20.91 2.21 18.21
N LEU A 279 -19.98 3.16 18.28
CA LEU A 279 -19.73 3.91 19.50
C LEU A 279 -20.92 4.77 19.90
N ASN A 280 -21.51 5.44 18.91
CA ASN A 280 -22.68 6.28 19.16
C ASN A 280 -23.90 5.44 19.45
N GLU A 281 -23.82 4.15 19.14
CA GLU A 281 -24.85 3.19 19.53
C GLU A 281 -24.71 2.91 21.02
N LEU A 282 -23.47 2.90 21.50
CA LEU A 282 -23.18 2.68 22.91
C LEU A 282 -23.35 3.96 23.71
N ALA A 283 -23.17 5.10 23.04
CA ALA A 283 -23.20 6.41 23.69
C ALA A 283 -24.59 6.76 24.23
N GLN A 284 -25.61 6.09 23.71
CA GLN A 284 -26.99 6.37 24.10
C GLN A 284 -27.22 6.08 25.57
N TYR A 285 -26.47 5.14 26.12
CA TYR A 285 -26.73 4.65 27.47
C TYR A 285 -25.55 4.85 28.41
N PHE A 286 -24.81 5.94 28.20
CA PHE A 286 -23.76 6.33 29.14
C PHE A 286 -24.38 6.78 30.45
N PRO A 287 -23.68 6.54 31.58
CA PRO A 287 -24.12 7.10 32.85
C PRO A 287 -24.19 8.63 32.78
N HIS A 288 -25.07 9.26 33.54
CA HIS A 288 -25.27 10.71 33.41
C HIS A 288 -23.98 11.46 33.73
N GLY A 289 -23.57 12.31 32.79
CA GLY A 289 -22.40 13.15 32.95
C GLY A 289 -21.32 12.73 31.99
N LEU A 290 -21.24 11.43 31.77
CA LEU A 290 -20.20 10.84 30.94
C LEU A 290 -20.40 11.13 29.46
N GLU A 291 -19.49 11.91 28.90
CA GLU A 291 -19.47 12.20 27.48
C GLU A 291 -18.15 11.72 26.90
N TYR A 292 -17.99 11.85 25.59
CA TYR A 292 -16.74 11.45 24.95
C TYR A 292 -16.23 12.52 23.98
N LYS A 293 -14.91 12.58 23.84
CA LYS A 293 -14.28 13.52 22.92
C LYS A 293 -13.32 12.78 21.98
N ILE A 294 -13.50 12.98 20.68
CA ILE A 294 -12.75 12.24 19.68
C ILE A 294 -11.68 13.08 18.99
N ALA A 295 -10.47 12.53 18.89
CA ALA A 295 -9.41 13.14 18.09
C ALA A 295 -8.93 12.15 17.04
N TYR A 296 -8.98 12.55 15.77
CA TYR A 296 -8.47 11.71 14.70
C TYR A 296 -6.95 11.77 14.67
N GLU A 297 -6.32 10.61 14.50
CA GLU A 297 -4.87 10.55 14.42
C GLU A 297 -4.41 10.25 13.00
N THR A 298 -4.06 11.30 12.26
CA THR A 298 -3.59 11.14 10.90
C THR A 298 -2.18 10.54 10.90
N THR A 299 -1.83 9.87 9.81
CA THR A 299 -0.54 9.19 9.72
C THR A 299 0.24 9.63 8.48
N SER A 300 1.48 10.07 8.70
CA SER A 300 2.31 10.55 7.60
C SER A 300 2.76 9.40 6.70
N PHE A 301 3.13 9.73 5.47
CA PHE A 301 3.62 8.73 4.53
C PHE A 301 4.82 9.27 3.76
N VAL A 302 5.97 8.64 3.94
CA VAL A 302 7.19 8.96 3.19
C VAL A 302 7.87 7.65 2.75
N LYS A 303 8.49 7.65 1.58
CA LYS A 303 9.26 6.48 1.17
C LYS A 303 10.73 6.83 1.02
N ALA B 8 -5.83 -11.69 -2.17
CA ALA B 8 -5.01 -10.67 -2.81
C ALA B 8 -5.85 -9.48 -3.24
N PRO B 9 -5.34 -8.26 -3.04
CA PRO B 9 -6.00 -7.01 -3.42
C PRO B 9 -5.94 -6.74 -4.92
N PRO B 10 -7.09 -6.44 -5.55
CA PRO B 10 -7.16 -6.18 -6.98
C PRO B 10 -6.90 -4.72 -7.35
N ASN B 11 -6.27 -4.51 -8.51
CA ASN B 11 -5.99 -3.17 -9.00
C ASN B 11 -6.73 -2.85 -10.30
N VAL B 12 -7.24 -1.64 -10.41
CA VAL B 12 -7.92 -1.18 -11.63
C VAL B 12 -7.44 0.22 -11.99
N ARG B 13 -7.00 0.40 -13.24
CA ARG B 13 -6.39 1.66 -13.64
C ARG B 13 -7.11 2.36 -14.79
N ILE B 14 -7.16 3.69 -14.73
CA ILE B 14 -7.76 4.50 -15.77
C ILE B 14 -6.71 5.33 -16.49
N THR B 15 -6.61 5.16 -17.81
CA THR B 15 -5.63 5.89 -18.61
C THR B 15 -6.28 6.60 -19.79
N ALA B 16 -6.11 7.93 -19.84
CA ALA B 16 -6.65 8.73 -20.92
C ALA B 16 -5.55 9.59 -21.56
N ASN B 17 -5.81 10.11 -22.74
CA ASN B 17 -4.81 10.89 -23.46
C ASN B 17 -5.34 12.24 -23.94
N TYR B 18 -4.55 13.29 -23.70
CA TYR B 18 -4.82 14.60 -24.29
C TYR B 18 -3.63 15.04 -25.12
N PRO B 19 -3.64 14.69 -26.41
CA PRO B 19 -2.53 14.97 -27.34
C PRO B 19 -2.28 16.46 -27.55
N GLY B 20 -1.06 16.90 -27.27
CA GLY B 20 -0.69 18.29 -27.43
C GLY B 20 -0.75 19.06 -26.13
N ALA B 21 -1.24 18.41 -25.08
CA ALA B 21 -1.40 19.06 -23.79
C ALA B 21 -0.15 18.92 -22.92
N SER B 22 0.03 19.87 -22.01
CA SER B 22 1.07 19.79 -21.01
C SER B 22 0.54 19.05 -19.79
N ALA B 23 1.45 18.64 -18.90
CA ALA B 23 1.08 17.86 -17.71
C ALA B 23 0.04 18.57 -16.84
N GLN B 24 0.27 19.85 -16.56
CA GLN B 24 -0.65 20.61 -15.72
C GLN B 24 -1.95 20.87 -16.47
N THR B 25 -1.83 21.13 -17.77
CA THR B 25 -2.99 21.25 -18.64
C THR B 25 -3.75 19.92 -18.62
N LEU B 26 -2.99 18.84 -18.73
CA LEU B 26 -3.54 17.50 -18.64
C LEU B 26 -4.18 17.26 -17.28
N GLU B 27 -3.53 17.76 -16.23
CA GLU B 27 -4.00 17.55 -14.87
C GLU B 27 -5.34 18.24 -14.61
N ASN B 28 -5.38 19.55 -14.89
CA ASN B 28 -6.59 20.34 -14.65
C ASN B 28 -7.78 19.84 -15.47
N THR B 29 -7.57 19.66 -16.76
CA THR B 29 -8.67 19.35 -17.68
C THR B 29 -9.11 17.90 -17.66
N VAL B 30 -8.20 16.99 -17.34
CA VAL B 30 -8.51 15.57 -17.39
C VAL B 30 -8.36 14.86 -16.05
N THR B 31 -7.17 14.96 -15.46
CA THR B 31 -6.86 14.21 -14.24
C THR B 31 -7.80 14.57 -13.08
N GLN B 32 -7.90 15.85 -12.76
CA GLN B 32 -8.75 16.32 -11.68
C GLN B 32 -10.20 15.88 -11.88
N VAL B 33 -10.67 15.96 -13.13
CA VAL B 33 -12.06 15.67 -13.45
C VAL B 33 -12.45 14.23 -13.13
N ILE B 34 -11.64 13.27 -13.59
CA ILE B 34 -11.92 11.85 -13.35
C ILE B 34 -11.89 11.51 -11.87
N GLU B 35 -10.88 12.02 -11.16
CA GLU B 35 -10.70 11.76 -9.73
C GLU B 35 -11.95 12.12 -8.92
N GLN B 36 -12.61 13.19 -9.33
CA GLN B 36 -13.81 13.66 -8.65
C GLN B 36 -14.89 12.58 -8.58
N ASN B 37 -15.29 12.08 -9.75
CA ASN B 37 -16.37 11.10 -9.83
C ASN B 37 -15.97 9.75 -9.23
N THR B 39 -14.99 8.90 -6.42
CA THR B 39 -14.89 8.92 -4.96
C THR B 39 -15.71 7.85 -4.26
N GLY B 40 -16.96 7.68 -4.66
CA GLY B 40 -17.86 6.82 -3.93
C GLY B 40 -17.88 5.36 -4.34
N LEU B 41 -16.79 4.63 -4.09
CA LEU B 41 -16.87 3.20 -4.26
C LEU B 41 -16.49 2.34 -3.06
N ASP B 42 -16.98 1.11 -3.19
CA ASP B 42 -16.92 0.03 -2.23
C ASP B 42 -15.65 -0.09 -1.36
N ASN B 43 -14.64 -0.76 -1.91
CA ASN B 43 -13.57 -1.27 -1.08
C ASN B 43 -12.15 -0.81 -1.44
N LEU B 44 -11.99 0.45 -1.82
CA LEU B 44 -10.65 1.01 -2.05
C LEU B 44 -9.81 0.97 -0.78
N TYR B 46 -6.68 2.72 -1.27
CA TYR B 46 -6.08 3.99 -1.62
C TYR B 46 -6.27 4.31 -3.10
N SER B 48 -4.33 6.16 -6.50
CA SER B 48 -3.09 6.69 -7.06
C SER B 48 -3.31 7.22 -8.47
N SER B 49 -2.75 8.39 -8.77
CA SER B 49 -2.92 9.03 -10.07
C SER B 49 -1.65 9.72 -10.54
N GLN B 50 -1.57 9.97 -11.85
CA GLN B 50 -0.38 10.56 -12.44
C GLN B 50 -0.70 11.40 -13.67
N SER B 51 0.01 12.52 -13.83
CA SER B 51 -0.04 13.29 -15.06
C SER B 51 1.36 13.45 -15.63
N SER B 52 1.47 13.69 -16.93
CA SER B 52 2.77 13.83 -17.56
C SER B 52 2.74 14.76 -18.77
N GLY B 53 3.90 15.27 -19.15
CA GLY B 53 4.02 16.10 -20.33
C GLY B 53 3.75 15.28 -21.58
N THR B 54 3.85 13.97 -21.42
CA THR B 54 3.47 13.01 -22.45
C THR B 54 2.06 13.28 -22.97
N GLY B 55 1.18 13.66 -22.06
CA GLY B 55 -0.21 13.89 -22.40
C GLY B 55 -1.05 12.72 -21.93
N GLN B 56 -0.42 11.83 -21.16
CA GLN B 56 -1.09 10.65 -20.65
C GLN B 56 -1.27 10.73 -19.13
N ALA B 57 -2.53 10.69 -18.69
CA ALA B 57 -2.84 10.77 -17.27
C ALA B 57 -3.24 9.41 -16.71
N THR B 58 -2.41 8.88 -15.81
CA THR B 58 -2.68 7.60 -15.18
C THR B 58 -3.51 7.77 -13.91
N ILE B 59 -4.54 6.96 -13.76
CA ILE B 59 -5.34 6.93 -12.53
C ILE B 59 -5.65 5.50 -12.10
N THR B 60 -5.16 5.12 -10.93
CA THR B 60 -5.28 3.74 -10.47
C THR B 60 -6.17 3.63 -9.23
N LEU B 61 -6.93 2.54 -9.15
CA LEU B 61 -7.83 2.29 -8.02
C LEU B 61 -7.62 0.89 -7.43
N SER B 62 -7.00 0.84 -6.25
CA SER B 62 -6.68 -0.43 -5.61
C SER B 62 -7.66 -0.77 -4.50
N PHE B 63 -8.30 -1.94 -4.62
CA PHE B 63 -9.35 -2.35 -3.69
C PHE B 63 -8.81 -3.27 -2.60
N ILE B 64 -9.53 -3.42 -1.49
CA ILE B 64 -9.04 -4.21 -0.35
C ILE B 64 -8.80 -5.66 -0.74
N ALA B 65 -8.04 -6.36 0.08
CA ALA B 65 -7.64 -7.73 -0.20
C ALA B 65 -8.84 -8.66 -0.37
N GLY B 66 -8.87 -9.38 -1.48
CA GLY B 66 -9.95 -10.31 -1.75
C GLY B 66 -11.18 -9.65 -2.34
N THR B 67 -11.03 -8.39 -2.76
CA THR B 67 -12.14 -7.68 -3.37
C THR B 67 -12.49 -8.26 -4.71
N ASP B 68 -13.79 -8.24 -5.00
CA ASP B 68 -14.33 -8.42 -6.34
C ASP B 68 -13.54 -7.54 -7.32
N PRO B 69 -12.93 -8.15 -8.35
CA PRO B 69 -12.35 -7.35 -9.43
C PRO B 69 -13.40 -6.97 -10.49
N ASP B 70 -14.30 -7.89 -10.79
CA ASP B 70 -15.21 -7.74 -11.93
C ASP B 70 -16.25 -6.62 -11.76
N GLU B 71 -16.99 -6.63 -10.64
CA GLU B 71 -18.02 -5.62 -10.39
C GLU B 71 -17.40 -4.25 -10.22
N ALA B 72 -16.19 -4.22 -9.66
CA ALA B 72 -15.47 -2.97 -9.48
C ALA B 72 -15.25 -2.28 -10.81
N VAL B 73 -14.70 -3.01 -11.77
CA VAL B 73 -14.49 -2.52 -13.12
C VAL B 73 -15.79 -2.00 -13.73
N GLN B 74 -16.84 -2.78 -13.58
CA GLN B 74 -18.19 -2.36 -13.99
C GLN B 74 -18.54 -1.05 -13.31
N GLN B 75 -18.33 -1.01 -12.00
CA GLN B 75 -18.66 0.17 -11.21
C GLN B 75 -17.74 1.34 -11.55
N VAL B 76 -16.45 1.08 -11.69
CA VAL B 76 -15.50 2.10 -12.13
C VAL B 76 -15.94 2.68 -13.47
N GLN B 77 -16.38 1.79 -14.36
CA GLN B 77 -16.97 2.21 -15.61
C GLN B 77 -18.27 2.97 -15.36
N ASN B 78 -19.08 2.45 -14.43
CA ASN B 78 -20.40 3.02 -14.17
C ASN B 78 -20.38 4.49 -13.78
N GLN B 79 -19.27 4.98 -13.22
CA GLN B 79 -19.22 6.39 -12.84
C GLN B 79 -18.45 7.18 -13.86
N LEU B 80 -17.56 6.50 -14.60
CA LEU B 80 -16.71 7.21 -15.54
C LEU B 80 -17.58 7.87 -16.60
N GLN B 81 -18.61 7.14 -17.02
CA GLN B 81 -19.54 7.62 -18.04
C GLN B 81 -20.26 8.89 -17.61
N SER B 82 -20.32 9.14 -16.30
CA SER B 82 -20.89 10.39 -15.78
C SER B 82 -20.08 11.60 -16.26
N ALA B 83 -18.76 11.48 -16.20
CA ALA B 83 -17.87 12.64 -16.33
C ALA B 83 -17.34 12.89 -17.74
N ARG B 85 -18.74 13.47 -20.67
CA ARG B 85 -19.28 14.60 -21.40
C ARG B 85 -18.68 15.89 -20.87
N LYS B 86 -18.19 15.84 -19.63
CA LYS B 86 -17.53 16.98 -19.01
C LYS B 86 -16.06 17.00 -19.39
N LEU B 87 -15.59 15.93 -20.03
CA LEU B 87 -14.25 15.87 -20.58
C LEU B 87 -14.18 16.59 -21.92
N PRO B 88 -12.99 17.06 -22.30
CA PRO B 88 -12.81 17.63 -23.64
C PRO B 88 -13.06 16.58 -24.73
N GLN B 89 -13.81 16.96 -25.76
CA GLN B 89 -14.10 16.07 -26.87
C GLN B 89 -12.81 15.53 -27.51
N ALA B 90 -11.77 16.36 -27.50
CA ALA B 90 -10.47 15.96 -28.03
C ALA B 90 -9.92 14.77 -27.27
N VAL B 91 -10.21 14.71 -25.97
CA VAL B 91 -9.81 13.57 -25.15
C VAL B 91 -10.73 12.38 -25.42
N GLN B 92 -12.02 12.67 -25.56
CA GLN B 92 -13.03 11.65 -25.81
C GLN B 92 -12.78 10.93 -27.14
N ASP B 93 -12.22 11.65 -28.10
CA ASP B 93 -11.90 11.06 -29.40
C ASP B 93 -10.84 9.97 -29.27
N GLN B 94 -9.86 10.20 -28.40
CA GLN B 94 -8.75 9.28 -28.24
C GLN B 94 -9.15 8.04 -27.44
N GLY B 95 -10.31 8.10 -26.80
CA GLY B 95 -10.80 7.00 -26.00
C GLY B 95 -10.20 6.97 -24.62
N VAL B 96 -10.93 6.38 -23.67
CA VAL B 96 -10.46 6.26 -22.30
C VAL B 96 -10.33 4.79 -21.89
N THR B 97 -9.09 4.34 -21.73
CA THR B 97 -8.81 2.94 -21.43
C THR B 97 -9.08 2.57 -19.98
N VAL B 98 -9.75 1.44 -19.77
CA VAL B 98 -9.96 0.89 -18.44
C VAL B 98 -9.39 -0.53 -18.39
N ARG B 99 -8.36 -0.74 -17.56
CA ARG B 99 -7.70 -2.04 -17.49
C ARG B 99 -7.39 -2.46 -16.05
N LYS B 100 -7.58 -3.74 -15.76
CA LYS B 100 -7.18 -4.32 -14.48
C LYS B 100 -5.65 -4.41 -14.42
N THR B 101 -5.02 -3.47 -13.71
CA THR B 101 -3.56 -3.50 -13.59
C THR B 101 -3.06 -2.66 -12.42
N GLY B 102 -1.99 -3.14 -11.78
CA GLY B 102 -1.35 -2.44 -10.69
C GLY B 102 -0.10 -1.74 -11.16
N ASP B 103 0.08 -1.69 -12.48
CA ASP B 103 1.24 -1.03 -13.06
C ASP B 103 1.15 0.48 -12.91
N THR B 104 2.25 1.09 -12.49
CA THR B 104 2.33 2.53 -12.38
C THR B 104 3.55 3.03 -13.16
N ASN B 105 3.34 3.99 -14.05
CA ASN B 105 4.45 4.60 -14.76
C ASN B 105 5.34 5.36 -13.80
N ILE B 106 6.65 5.21 -13.95
CA ILE B 106 7.60 5.88 -13.09
C ILE B 106 8.59 6.71 -13.88
N LEU B 107 8.82 6.32 -15.13
CA LEU B 107 9.84 6.96 -15.94
C LEU B 107 9.47 7.06 -17.41
N THR B 108 9.63 8.26 -17.97
CA THR B 108 9.53 8.46 -19.41
C THR B 108 10.93 8.72 -19.94
N ILE B 109 11.34 7.97 -20.95
CA ILE B 109 12.69 8.07 -21.48
C ILE B 109 12.72 8.35 -22.97
N ALA B 110 13.34 9.47 -23.35
CA ALA B 110 13.48 9.82 -24.76
C ALA B 110 14.82 9.36 -25.30
N PHE B 111 14.87 9.08 -26.61
CA PHE B 111 16.11 8.69 -27.26
C PHE B 111 16.39 9.61 -28.46
N VAL B 112 17.28 10.56 -28.26
CA VAL B 112 17.53 11.59 -29.26
C VAL B 112 18.83 11.39 -30.01
N SER B 113 18.74 11.37 -31.34
CA SER B 113 19.93 11.31 -32.18
C SER B 113 20.33 12.74 -32.57
N THR B 114 21.36 13.26 -31.91
CA THR B 114 21.70 14.68 -32.01
C THR B 114 22.26 15.11 -33.38
N ASP B 115 22.95 14.19 -34.05
CA ASP B 115 23.61 14.49 -35.33
C ASP B 115 22.61 14.68 -36.47
N GLY B 116 21.56 13.88 -36.44
CA GLY B 116 20.66 13.76 -37.59
C GLY B 116 21.15 12.65 -38.48
N SER B 117 22.16 11.91 -38.03
CA SER B 117 22.63 10.72 -38.74
C SER B 117 21.54 9.67 -38.70
N ASP B 119 17.41 9.27 -38.25
CA ASP B 119 16.12 9.93 -38.18
C ASP B 119 15.22 9.19 -37.20
N LYS B 120 13.96 9.59 -37.13
CA LYS B 120 13.02 9.08 -36.14
C LYS B 120 12.88 7.56 -36.20
N GLN B 121 12.83 7.01 -37.41
CA GLN B 121 12.65 5.57 -37.59
C GLN B 121 13.87 4.75 -37.14
N ASP B 122 15.06 5.27 -37.42
CA ASP B 122 16.30 4.60 -37.02
C ASP B 122 16.33 4.38 -35.51
N ILE B 123 15.76 5.33 -34.78
CA ILE B 123 15.71 5.27 -33.33
C ILE B 123 14.64 4.28 -32.87
N ALA B 124 13.44 4.41 -33.43
CA ALA B 124 12.30 3.57 -33.08
C ALA B 124 12.64 2.09 -33.24
N ASP B 125 13.35 1.76 -34.32
CA ASP B 125 13.78 0.40 -34.56
C ASP B 125 14.83 -0.03 -33.53
N TYR B 126 15.80 0.85 -33.29
CA TYR B 126 16.91 0.54 -32.39
C TYR B 126 16.43 0.29 -30.96
N VAL B 127 15.32 0.91 -30.59
CA VAL B 127 14.75 0.73 -29.26
C VAL B 127 14.11 -0.65 -29.13
N ALA B 128 13.20 -0.97 -30.04
CA ALA B 128 12.51 -2.26 -30.02
C ALA B 128 13.49 -3.41 -30.18
N SER B 129 14.46 -3.24 -31.08
CA SER B 129 15.41 -4.31 -31.39
C SER B 129 16.44 -4.51 -30.29
N ASN B 130 16.89 -3.43 -29.66
CA ASN B 130 18.05 -3.51 -28.79
C ASN B 130 17.86 -2.92 -27.38
N ILE B 131 16.80 -2.16 -27.18
CA ILE B 131 16.59 -1.50 -25.89
C ILE B 131 15.41 -2.07 -25.10
N GLN B 132 14.29 -2.27 -25.79
CA GLN B 132 12.99 -2.49 -25.17
C GLN B 132 12.97 -3.53 -24.04
N ASP B 133 13.24 -4.79 -24.39
CA ASP B 133 13.07 -5.88 -23.44
C ASP B 133 14.30 -6.30 -22.65
N PRO B 134 15.51 -5.80 -23.00
CA PRO B 134 16.51 -5.94 -21.95
C PRO B 134 16.08 -5.22 -20.68
N LEU B 135 15.34 -4.12 -20.85
CA LEU B 135 14.84 -3.33 -19.74
C LEU B 135 13.62 -3.94 -19.06
N SER B 136 12.84 -4.72 -19.82
CA SER B 136 11.63 -5.32 -19.27
C SER B 136 11.91 -6.65 -18.58
N ARG B 137 13.03 -7.28 -18.92
CA ARG B 137 13.43 -8.52 -18.27
C ARG B 137 13.84 -8.25 -16.82
N VAL B 138 13.94 -6.97 -16.47
CA VAL B 138 14.25 -6.55 -15.10
C VAL B 138 13.18 -7.03 -14.12
N ASN B 139 13.64 -7.50 -12.96
CA ASN B 139 12.79 -8.03 -11.90
C ASN B 139 11.61 -7.14 -11.52
N GLY B 140 11.87 -5.88 -11.20
CA GLY B 140 10.83 -4.99 -10.72
C GLY B 140 9.88 -4.48 -11.79
N VAL B 141 10.32 -4.49 -13.04
CA VAL B 141 9.56 -3.92 -14.15
C VAL B 141 8.23 -4.61 -14.40
N GLY B 142 7.18 -3.81 -14.53
CA GLY B 142 5.88 -4.29 -14.94
C GLY B 142 5.77 -4.37 -16.45
N ASP B 143 6.11 -3.26 -17.11
CA ASP B 143 6.06 -3.19 -18.58
C ASP B 143 6.96 -2.10 -19.14
N ILE B 144 7.50 -2.34 -20.33
CA ILE B 144 8.22 -1.31 -21.07
C ILE B 144 7.42 -0.90 -22.31
N ASP B 145 7.07 0.39 -22.38
CA ASP B 145 6.27 0.89 -23.49
C ASP B 145 7.14 1.48 -24.60
N ALA B 146 7.45 0.68 -25.61
CA ALA B 146 8.13 1.20 -26.79
C ALA B 146 7.13 1.93 -27.68
N TYR B 147 6.93 3.22 -27.40
CA TYR B 147 5.92 4.03 -28.08
C TYR B 147 6.08 4.04 -29.59
N GLY B 148 7.32 4.02 -30.06
CA GLY B 148 7.59 3.98 -31.49
C GLY B 148 7.13 2.67 -32.09
N SER B 149 7.13 1.63 -31.28
CA SER B 149 6.78 0.28 -31.75
C SER B 149 5.36 -0.10 -31.35
N GLN B 150 4.64 0.83 -30.74
CA GLN B 150 3.30 0.55 -30.25
C GLN B 150 2.21 1.19 -31.11
N TYR B 151 1.20 0.39 -31.44
CA TYR B 151 0.00 0.89 -32.10
C TYR B 151 -1.23 0.21 -31.50
N SER B 152 -2.41 0.74 -31.80
CA SER B 152 -3.63 0.26 -31.16
C SER B 152 -4.42 -0.71 -32.02
N ARG B 154 -8.48 -1.57 -32.17
CA ARG B 154 -9.79 -1.23 -31.63
C ARG B 154 -10.82 -2.31 -31.91
N ILE B 155 -11.77 -2.46 -30.99
CA ILE B 155 -12.79 -3.50 -31.07
C ILE B 155 -14.17 -2.98 -30.69
N TRP B 156 -15.14 -3.13 -31.60
CA TRP B 156 -16.50 -2.71 -31.31
C TRP B 156 -17.45 -3.91 -31.22
N LEU B 157 -17.79 -4.28 -29.99
CA LEU B 157 -18.65 -5.42 -29.74
C LEU B 157 -20.08 -5.19 -30.22
N ASP B 158 -20.76 -6.27 -30.59
CA ASP B 158 -22.16 -6.20 -30.96
C ASP B 158 -23.01 -6.77 -29.82
N PRO B 159 -23.73 -5.89 -29.11
CA PRO B 159 -24.59 -6.31 -28.00
C PRO B 159 -25.70 -7.26 -28.43
N ALA B 160 -26.16 -7.12 -29.67
CA ALA B 160 -27.18 -8.02 -30.19
C ALA B 160 -26.62 -9.42 -30.36
N LYS B 161 -25.43 -9.51 -30.97
CA LYS B 161 -24.76 -10.79 -31.13
C LYS B 161 -24.38 -11.38 -29.77
N LEU B 162 -23.85 -10.53 -28.89
CA LEU B 162 -23.41 -10.97 -27.57
C LEU B 162 -24.47 -11.79 -26.83
N ASN B 163 -25.69 -11.30 -26.74
CA ASN B 163 -26.72 -12.01 -25.99
C ASN B 163 -27.41 -13.05 -26.89
N SER B 164 -27.41 -12.82 -28.21
CA SER B 164 -27.87 -13.88 -29.11
C SER B 164 -26.88 -15.04 -29.01
N PHE B 165 -25.72 -14.76 -28.44
CA PHE B 165 -24.77 -15.77 -28.00
C PHE B 165 -24.79 -15.93 -26.48
N GLN B 166 -25.57 -15.08 -25.81
CA GLN B 166 -25.65 -15.03 -24.35
C GLN B 166 -24.29 -14.75 -23.72
N THR B 168 -21.12 -11.68 -22.65
CA THR B 168 -20.99 -10.32 -22.12
C THR B 168 -19.61 -9.73 -22.39
N THR B 169 -19.45 -8.46 -22.03
CA THR B 169 -18.20 -7.73 -22.23
C THR B 169 -17.03 -8.39 -21.50
N LYS B 170 -17.33 -9.02 -20.37
CA LYS B 170 -16.30 -9.68 -19.57
C LYS B 170 -15.83 -10.99 -20.20
N ASP B 171 -16.80 -11.81 -20.63
CA ASP B 171 -16.50 -13.12 -21.21
C ASP B 171 -15.56 -13.01 -22.39
N VAL B 172 -15.74 -11.96 -23.18
CA VAL B 172 -14.89 -11.70 -24.34
C VAL B 172 -13.46 -11.37 -23.91
N THR B 173 -13.35 -10.50 -22.91
CA THR B 173 -12.05 -10.03 -22.46
C THR B 173 -11.20 -11.14 -21.85
N ASP B 174 -11.82 -11.98 -21.03
CA ASP B 174 -11.10 -13.07 -20.37
C ASP B 174 -10.54 -14.06 -21.39
N ALA B 175 -11.21 -14.16 -22.53
CA ALA B 175 -10.77 -15.04 -23.60
C ALA B 175 -9.49 -14.52 -24.27
N ILE B 176 -9.41 -13.20 -24.42
CA ILE B 176 -8.27 -12.57 -25.06
C ILE B 176 -7.04 -12.61 -24.17
N GLU B 177 -7.25 -12.47 -22.86
CA GLU B 177 -6.17 -12.53 -21.89
C GLU B 177 -5.47 -13.88 -21.91
N SER B 178 -6.23 -14.93 -22.21
CA SER B 178 -5.74 -16.31 -22.11
C SER B 178 -4.89 -16.76 -23.31
N GLN B 179 -4.75 -15.89 -24.31
CA GLN B 179 -4.14 -16.27 -25.59
C GLN B 179 -2.61 -16.24 -25.58
N ASN B 180 -2.03 -15.78 -24.48
CA ASN B 180 -0.58 -15.81 -24.26
C ASN B 180 0.20 -14.90 -25.22
N ALA B 181 -0.50 -14.10 -26.01
CA ALA B 181 0.16 -13.09 -26.83
C ALA B 181 0.62 -11.96 -25.93
N GLN B 182 1.77 -11.36 -26.24
CA GLN B 182 2.26 -10.25 -25.43
C GLN B 182 1.57 -8.95 -25.83
N ILE B 183 0.34 -8.77 -25.36
CA ILE B 183 -0.43 -7.57 -25.66
C ILE B 183 -1.06 -7.00 -24.40
N ALA B 184 -1.85 -5.95 -24.57
CA ALA B 184 -2.61 -5.34 -23.49
C ALA B 184 -4.05 -5.11 -23.94
N VAL B 185 -5.01 -5.55 -23.12
CA VAL B 185 -6.42 -5.43 -23.47
C VAL B 185 -7.20 -4.64 -22.41
N GLY B 186 -8.15 -3.83 -22.86
CA GLY B 186 -8.96 -3.04 -21.94
C GLY B 186 -10.21 -2.47 -22.60
N GLN B 187 -11.12 -1.95 -21.78
CA GLN B 187 -12.35 -1.35 -22.28
C GLN B 187 -12.09 0.07 -22.77
N LEU B 188 -13.14 0.77 -23.13
CA LEU B 188 -13.00 2.10 -23.73
C LEU B 188 -13.87 3.16 -23.06
N GLY B 189 -13.88 4.35 -23.64
CA GLY B 189 -14.65 5.45 -23.10
C GLY B 189 -15.77 5.87 -24.04
N GLY B 190 -17.01 5.71 -23.57
CA GLY B 190 -18.18 6.12 -24.32
C GLY B 190 -19.38 6.33 -23.43
N GLN B 197 -20.28 0.07 -26.97
CA GLN B 197 -19.48 -0.80 -26.11
C GLN B 197 -18.22 -1.27 -26.83
N ALA B 198 -17.13 -0.55 -26.64
CA ALA B 198 -15.90 -0.81 -27.37
C ALA B 198 -14.74 -1.25 -26.47
N LEU B 199 -13.79 -1.96 -27.07
CA LEU B 199 -12.60 -2.42 -26.36
C LEU B 199 -11.34 -1.93 -27.07
N ASN B 200 -10.20 -2.06 -26.40
CA ASN B 200 -8.93 -1.58 -26.93
C ASN B 200 -7.80 -2.60 -26.76
N ALA B 201 -6.86 -2.61 -27.70
CA ALA B 201 -5.72 -3.51 -27.63
C ALA B 201 -4.43 -2.83 -28.11
N THR B 202 -3.51 -2.58 -27.18
CA THR B 202 -2.24 -1.97 -27.52
C THR B 202 -1.22 -3.04 -27.93
N ILE B 203 -0.66 -2.86 -29.12
CA ILE B 203 0.25 -3.86 -29.69
C ILE B 203 1.70 -3.41 -29.61
N ASN B 204 2.58 -4.32 -29.18
CA ASN B 204 4.01 -4.04 -29.18
C ASN B 204 4.72 -4.88 -30.23
N ALA B 205 6.02 -4.62 -30.42
CA ALA B 205 6.79 -5.24 -31.50
C ALA B 205 6.96 -6.75 -31.32
N GLN B 206 6.70 -7.25 -30.12
CA GLN B 206 6.89 -8.66 -29.82
C GLN B 206 5.57 -9.38 -29.55
N SER B 207 4.47 -8.71 -29.84
CA SER B 207 3.15 -9.32 -29.69
C SER B 207 3.01 -10.50 -30.64
N LEU B 208 2.39 -11.57 -30.16
CA LEU B 208 2.17 -12.75 -31.01
C LEU B 208 0.95 -12.51 -31.90
N LEU B 209 0.11 -11.57 -31.50
CA LEU B 209 -1.03 -11.14 -32.29
C LEU B 209 -0.87 -9.67 -32.67
N GLN B 210 -0.68 -9.40 -33.95
CA GLN B 210 -0.36 -8.04 -34.40
C GLN B 210 -1.28 -7.53 -35.50
N THR B 211 -1.90 -8.44 -36.25
CA THR B 211 -2.75 -8.06 -37.36
C THR B 211 -4.23 -8.24 -37.01
N PRO B 212 -5.07 -7.28 -37.43
CA PRO B 212 -6.52 -7.32 -37.19
C PRO B 212 -7.15 -8.64 -37.62
N GLN B 213 -6.58 -9.24 -38.66
CA GLN B 213 -7.04 -10.53 -39.17
C GLN B 213 -6.93 -11.60 -38.09
N GLN B 214 -5.78 -11.64 -37.41
CA GLN B 214 -5.55 -12.58 -36.33
C GLN B 214 -6.54 -12.39 -35.19
N PHE B 215 -6.94 -11.13 -34.97
CA PHE B 215 -7.82 -10.78 -33.87
C PHE B 215 -9.28 -11.14 -34.15
N ARG B 216 -9.65 -11.21 -35.43
CA ARG B 216 -10.97 -11.67 -35.80
C ARG B 216 -11.07 -13.18 -35.64
N ASP B 217 -9.94 -13.85 -35.87
CA ASP B 217 -9.88 -15.30 -35.73
C ASP B 217 -9.33 -15.69 -34.37
N ILE B 218 -10.08 -15.38 -33.31
CA ILE B 218 -9.77 -15.88 -31.98
C ILE B 218 -11.03 -16.40 -31.31
N THR B 219 -10.93 -17.58 -30.72
CA THR B 219 -12.08 -18.24 -30.10
C THR B 219 -12.44 -17.61 -28.76
N LEU B 220 -13.60 -16.97 -28.71
CA LEU B 220 -14.08 -16.36 -27.48
C LEU B 220 -14.52 -17.45 -26.50
N ARG B 221 -15.36 -18.36 -26.98
CA ARG B 221 -15.81 -19.49 -26.17
C ARG B 221 -16.34 -20.60 -27.05
N VAL B 222 -16.38 -21.81 -26.50
CA VAL B 222 -16.96 -22.95 -27.21
C VAL B 222 -18.35 -23.24 -26.66
N ASN B 223 -19.35 -23.26 -27.54
CA ASN B 223 -20.71 -23.53 -27.13
C ASN B 223 -20.92 -24.98 -26.72
N GLN B 224 -22.08 -25.26 -26.12
CA GLN B 224 -22.42 -26.60 -25.67
C GLN B 224 -22.50 -27.57 -26.85
N ASP B 225 -22.67 -27.05 -28.05
CA ASP B 225 -22.70 -27.88 -29.25
C ASP B 225 -21.31 -28.23 -29.74
N GLY B 226 -20.33 -27.41 -29.34
CA GLY B 226 -18.96 -27.63 -29.77
C GLY B 226 -18.49 -26.62 -30.80
N SER B 227 -19.38 -25.70 -31.18
CA SER B 227 -19.01 -24.64 -32.11
C SER B 227 -18.28 -23.54 -31.36
N GLU B 228 -17.27 -22.96 -31.99
CA GLU B 228 -16.54 -21.85 -31.39
C GLU B 228 -17.18 -20.52 -31.74
N VAL B 229 -17.24 -19.62 -30.76
CA VAL B 229 -17.60 -18.25 -31.04
C VAL B 229 -16.32 -17.43 -31.19
N LYS B 230 -16.15 -16.81 -32.34
CA LYS B 230 -14.96 -16.03 -32.60
C LYS B 230 -15.23 -14.54 -32.41
N LEU B 231 -14.16 -13.77 -32.20
CA LEU B 231 -14.29 -12.33 -32.03
C LEU B 231 -14.77 -11.69 -33.33
N GLY B 232 -14.39 -12.30 -34.44
CA GLY B 232 -14.85 -11.86 -35.75
C GLY B 232 -16.36 -12.02 -35.87
N ASP B 233 -16.89 -13.02 -35.17
CA ASP B 233 -18.32 -13.28 -35.18
C ASP B 233 -19.08 -12.26 -34.34
N VAL B 234 -18.39 -11.66 -33.38
CA VAL B 234 -19.04 -10.78 -32.41
C VAL B 234 -18.65 -9.31 -32.61
N ALA B 235 -17.47 -9.06 -33.17
CA ALA B 235 -17.01 -7.69 -33.31
C ALA B 235 -16.27 -7.41 -34.61
N THR B 236 -16.12 -6.11 -34.90
CA THR B 236 -15.33 -5.63 -36.02
C THR B 236 -13.95 -5.22 -35.52
N VAL B 237 -12.91 -5.74 -36.15
CA VAL B 237 -11.55 -5.48 -35.69
C VAL B 237 -10.78 -4.55 -36.63
N GLU B 238 -10.46 -3.37 -36.13
CA GLU B 238 -9.70 -2.37 -36.87
C GLU B 238 -8.35 -2.11 -36.21
N LEU B 239 -7.49 -1.38 -36.91
CA LEU B 239 -6.32 -0.78 -36.29
C LEU B 239 -6.72 0.55 -35.68
N GLY B 240 -6.32 0.78 -34.43
CA GLY B 240 -6.59 2.04 -33.78
C GLY B 240 -5.72 3.13 -34.35
N ALA B 241 -6.34 4.13 -34.97
CA ALA B 241 -5.61 5.20 -35.64
C ALA B 241 -5.16 6.28 -34.65
N GLU B 242 -4.08 5.99 -33.92
CA GLU B 242 -3.47 6.97 -33.03
C GLU B 242 -2.02 6.62 -32.73
N LYS B 243 -1.13 7.59 -32.98
CA LYS B 243 0.29 7.41 -32.69
C LYS B 243 0.50 7.28 -31.18
N TYR B 244 1.66 6.79 -30.78
CA TYR B 244 1.96 6.59 -29.37
C TYR B 244 3.07 7.52 -28.90
N ASP B 245 3.91 7.96 -29.84
CA ASP B 245 4.99 8.88 -29.50
C ASP B 245 4.43 10.22 -29.00
N TYR B 246 4.62 10.45 -27.70
CA TYR B 246 4.28 11.72 -27.07
C TYR B 246 5.06 12.86 -27.70
N LEU B 247 6.17 12.50 -28.33
CA LEU B 247 7.13 13.45 -28.87
C LEU B 247 7.79 12.86 -30.11
N SER B 248 7.82 13.64 -31.19
CA SER B 248 8.38 13.17 -32.45
C SER B 248 9.70 13.88 -32.74
N ARG B 249 9.95 14.96 -31.99
CA ARG B 249 11.15 15.76 -32.18
C ARG B 249 11.58 16.32 -30.82
N PHE B 250 12.86 16.14 -30.49
CA PHE B 250 13.39 16.66 -29.24
C PHE B 250 14.45 17.72 -29.52
N ASN B 251 14.12 18.97 -29.20
CA ASN B 251 15.04 20.10 -29.36
C ASN B 251 15.55 20.22 -30.80
N GLY B 252 14.67 19.93 -31.75
CA GLY B 252 15.02 20.06 -33.16
C GLY B 252 15.64 18.81 -33.75
N ASN B 253 15.92 17.82 -32.91
CA ASN B 253 16.50 16.57 -33.36
C ASN B 253 15.52 15.41 -33.24
N PRO B 254 15.50 14.52 -34.25
CA PRO B 254 14.60 13.35 -34.29
C PRO B 254 14.69 12.53 -33.00
N ALA B 255 13.54 12.13 -32.48
CA ALA B 255 13.51 11.40 -31.23
C ALA B 255 12.32 10.44 -31.14
N SER B 256 12.50 9.39 -30.35
CA SER B 256 11.46 8.41 -30.09
C SER B 256 11.69 7.82 -28.70
N GLY B 257 10.66 7.80 -27.87
CA GLY B 257 10.84 7.45 -26.47
C GLY B 257 10.08 6.23 -25.96
N LEU B 258 10.45 5.78 -24.76
CA LEU B 258 9.76 4.67 -24.12
C LEU B 258 9.36 5.02 -22.69
N GLY B 259 8.36 4.31 -22.18
CA GLY B 259 7.89 4.51 -20.82
C GLY B 259 8.04 3.25 -19.99
N VAL B 260 8.35 3.43 -18.71
CA VAL B 260 8.58 2.29 -17.81
C VAL B 260 7.49 2.18 -16.77
N LYS B 261 6.98 0.97 -16.58
CA LYS B 261 5.96 0.71 -15.58
C LYS B 261 6.52 -0.06 -14.40
N LEU B 262 5.90 0.10 -13.23
CA LEU B 262 6.31 -0.60 -12.03
C LEU B 262 5.22 -1.55 -11.57
N ALA B 263 5.54 -2.84 -11.48
CA ALA B 263 4.63 -3.81 -10.91
C ALA B 263 4.28 -3.40 -9.49
N SER B 264 3.02 -3.61 -9.11
CA SER B 264 2.50 -3.12 -7.83
C SER B 264 3.34 -3.52 -6.61
N GLY B 265 4.00 -4.67 -6.69
CA GLY B 265 4.70 -5.22 -5.54
C GLY B 265 6.19 -4.91 -5.41
N ALA B 266 6.68 -3.97 -6.22
CA ALA B 266 8.10 -3.63 -6.18
C ALA B 266 8.35 -2.30 -5.49
N ASN B 267 9.54 -2.15 -4.91
CA ASN B 267 9.91 -0.88 -4.28
C ASN B 267 10.47 0.09 -5.31
N GLU B 268 10.41 1.38 -5.01
CA GLU B 268 10.65 2.40 -6.02
C GLU B 268 12.12 2.69 -6.31
N ALA B 270 14.89 1.28 -5.72
CA ALA B 270 15.76 0.19 -6.12
C ALA B 270 15.51 -0.22 -7.56
N THR B 271 14.24 -0.35 -7.92
CA THR B 271 13.86 -0.72 -9.28
C THR B 271 14.34 0.31 -10.28
N ALA B 272 14.18 1.59 -9.92
CA ALA B 272 14.65 2.68 -10.76
C ALA B 272 16.17 2.63 -10.89
N LYS B 273 16.83 2.27 -9.80
CA LYS B 273 18.29 2.18 -9.79
C LYS B 273 18.76 1.07 -10.72
N LEU B 274 17.93 0.05 -10.90
CA LEU B 274 18.24 -1.06 -11.79
C LEU B 274 18.21 -0.66 -13.26
N VAL B 275 17.04 -0.20 -13.71
CA VAL B 275 16.81 0.09 -15.12
C VAL B 275 17.68 1.23 -15.65
N LEU B 276 18.06 2.15 -14.78
CA LEU B 276 18.86 3.31 -15.19
C LEU B 276 20.30 2.91 -15.48
N ASP B 277 20.79 1.92 -14.75
CA ASP B 277 22.15 1.42 -14.97
C ASP B 277 22.15 0.34 -16.04
N ARG B 278 21.01 -0.35 -16.17
CA ARG B 278 20.82 -1.29 -17.27
C ARG B 278 20.83 -0.52 -18.57
N LEU B 279 20.23 0.66 -18.55
CA LEU B 279 20.24 1.56 -19.70
C LEU B 279 21.63 2.15 -19.92
N ASN B 280 22.32 2.44 -18.81
CA ASN B 280 23.68 2.96 -18.84
C ASN B 280 24.64 2.02 -19.53
N GLU B 281 24.40 0.71 -19.37
CA GLU B 281 25.24 -0.29 -20.00
C GLU B 281 24.97 -0.37 -21.50
N LEU B 282 23.70 -0.28 -21.87
CA LEU B 282 23.31 -0.28 -23.27
C LEU B 282 23.85 0.95 -23.97
N ALA B 283 23.95 2.04 -23.21
CA ALA B 283 24.46 3.30 -23.73
C ALA B 283 25.90 3.18 -24.22
N GLN B 284 26.62 2.19 -23.71
CA GLN B 284 28.00 1.94 -24.13
C GLN B 284 28.03 1.36 -25.53
N TYR B 285 27.02 0.55 -25.85
CA TYR B 285 26.94 -0.11 -27.14
C TYR B 285 26.05 0.67 -28.10
N PHE B 286 25.73 1.90 -27.73
CA PHE B 286 24.97 2.80 -28.61
C PHE B 286 25.77 3.16 -29.85
N PRO B 287 25.07 3.52 -30.93
CA PRO B 287 25.75 4.17 -32.06
C PRO B 287 26.12 5.61 -31.71
N HIS B 288 26.73 6.32 -32.64
CA HIS B 288 27.28 7.63 -32.37
C HIS B 288 26.22 8.73 -32.52
N GLY B 289 26.25 9.68 -31.59
CA GLY B 289 25.35 10.83 -31.61
C GLY B 289 24.01 10.63 -30.93
N LEU B 290 23.90 9.57 -30.14
CA LEU B 290 22.64 9.22 -29.50
C LEU B 290 22.77 9.21 -27.97
N GLU B 291 21.83 9.87 -27.31
CA GLU B 291 21.82 9.90 -25.84
C GLU B 291 20.39 9.84 -25.31
N TYR B 292 20.22 9.27 -24.13
CA TYR B 292 18.90 9.14 -23.52
C TYR B 292 18.56 10.33 -22.61
N LYS B 293 17.30 10.74 -22.64
CA LYS B 293 16.79 11.76 -21.74
C LYS B 293 15.75 11.12 -20.81
N ILE B 294 15.82 11.44 -19.53
CA ILE B 294 14.99 10.75 -18.53
C ILE B 294 14.05 11.68 -17.77
N ALA B 295 12.77 11.39 -17.85
CA ALA B 295 11.76 12.14 -17.10
C ALA B 295 11.12 11.24 -16.05
N TYR B 296 11.08 11.73 -14.81
CA TYR B 296 10.47 10.97 -13.72
C TYR B 296 9.00 11.35 -13.56
N GLU B 297 8.15 10.37 -13.36
CA GLU B 297 6.72 10.60 -13.24
C GLU B 297 6.27 10.72 -11.78
N THR B 298 5.50 11.78 -11.50
CA THR B 298 4.93 12.00 -10.17
C THR B 298 3.63 11.23 -10.04
N THR B 299 3.45 10.50 -8.94
CA THR B 299 2.21 9.77 -8.74
C THR B 299 1.64 10.15 -7.38
N SER B 300 0.58 10.94 -7.39
CA SER B 300 -0.08 11.39 -6.18
C SER B 300 -1.00 10.31 -5.62
N PHE B 301 -0.74 9.88 -4.39
CA PHE B 301 -1.56 8.86 -3.77
C PHE B 301 -2.58 9.45 -2.79
N VAL B 302 -3.77 8.85 -2.78
CA VAL B 302 -4.87 9.28 -1.90
C VAL B 302 -5.33 8.08 -1.11
N LYS B 303 -5.83 8.29 0.11
CA LYS B 303 -6.46 7.20 0.84
C LYS B 303 -7.95 7.45 0.93
N ALA B 304 -8.74 6.55 0.33
CA ALA B 304 -10.18 6.73 0.28
C ALA B 304 -10.90 5.39 0.26
#